data_2A0I
#
_entry.id   2A0I
#
_cell.length_a   77.515
_cell.length_b   77.515
_cell.length_c   114.369
_cell.angle_alpha   90.00
_cell.angle_beta   90.00
_cell.angle_gamma   120.00
#
_symmetry.space_group_name_H-M   'P 62'
#
loop_
_entity.id
_entity.type
_entity.pdbx_description
1 polymer 'F plasmid single-stranded oriT DNA'
2 polymer 'TraI protein'
3 non-polymer 'MAGNESIUM ION'
4 non-polymer IMIDAZOLE
5 water water
#
loop_
_entity_poly.entity_id
_entity_poly.type
_entity_poly.pdbx_seq_one_letter_code
_entity_poly.pdbx_strand_id
1 'polydeoxyribonucleotide'
;(DT)(DG)(DG)(DG)(DG)(DT)(DG)(DT)(DG)(DG)(DT)(DG)(DC)(DT)(DT)(DT)(DT)(DG)(DG)(DT)
(DG)(DG)
;
B
2 'polypeptide(L)'
;MMSIAQVRSAGSAGNFYTDKDNYYVLGSMGERWAGRGAEQLGLQGSVDKDVFTRLLEGRLPDGADLSRMQDGSNRHRPGY
DLTFSAPKSVSMMAMLGGDKRLIDAHNQAVDFAVRQVEALASTRVMTDGQSETVLTGNLVMALFNHDTSRDQEPQLHTHA
VVANVTQHNGEWKTLSSDKVGKTGFIENVYANQIAFGRLYREKLKEQVEALGYETEVVGKHGMWEMPGVPVEAFSGRSQT
IREAVGEDASLKSRDVAALDTRKSKQHVDPEIKMAEWMQTLKETGFDIRAYRDAADQRADLRTLTPGPASQDGPDVQQAV
TQAIAGLSER
;
A
#
loop_
_chem_comp.id
_chem_comp.type
_chem_comp.name
_chem_comp.formula
DC DNA linking 2'-DEOXYCYTIDINE-5'-MONOPHOSPHATE 'C9 H14 N3 O7 P'
DG DNA linking 2'-DEOXYGUANOSINE-5'-MONOPHOSPHATE 'C10 H14 N5 O7 P'
DT DNA linking THYMIDINE-5'-MONOPHOSPHATE 'C10 H15 N2 O8 P'
IMD non-polymer IMIDAZOLE 'C3 H5 N2 1'
MG non-polymer 'MAGNESIUM ION' 'Mg 2'
#
# COMPACT_ATOMS: atom_id res chain seq x y z
N MET B 1 -2.33 7.10 -4.08
CA MET B 1 -2.40 7.56 -2.66
C MET B 1 -1.44 6.79 -1.77
N MET B 2 -0.37 7.45 -1.33
CA MET B 2 0.59 6.83 -0.45
C MET B 2 0.47 7.50 0.92
N SER B 3 0.31 6.65 1.94
CA SER B 3 0.19 7.05 3.33
C SER B 3 1.35 6.43 4.09
N ILE B 4 1.74 7.06 5.20
CA ILE B 4 2.86 6.53 5.97
C ILE B 4 2.46 6.14 7.38
N ALA B 5 3.31 5.34 8.01
CA ALA B 5 3.05 4.90 9.37
C ALA B 5 4.29 4.22 9.96
N GLN B 6 4.52 4.48 11.25
CA GLN B 6 5.66 3.88 11.94
C GLN B 6 5.26 2.53 12.53
N VAL B 7 6.11 1.53 12.37
CA VAL B 7 5.84 0.21 12.96
C VAL B 7 6.60 0.29 14.29
N ARG B 8 5.89 0.13 15.41
CA ARG B 8 6.51 0.22 16.73
C ARG B 8 6.59 -1.07 17.55
N SER B 9 6.25 -2.21 16.94
CA SER B 9 6.30 -3.47 17.65
C SER B 9 6.35 -4.67 16.70
N ALA B 10 7.37 -5.51 16.87
CA ALA B 10 7.53 -6.69 16.01
C ALA B 10 6.49 -7.77 16.30
N GLY B 11 6.85 -8.74 17.13
CA GLY B 11 5.94 -9.83 17.46
C GLY B 11 4.45 -9.55 17.34
N SER B 12 4.01 -8.46 17.96
CA SER B 12 2.61 -8.09 17.92
C SER B 12 2.15 -7.76 16.49
N ALA B 13 2.62 -6.64 15.98
CA ALA B 13 2.28 -6.20 14.64
C ALA B 13 2.93 -7.11 13.62
N GLY B 14 3.76 -8.04 14.07
CA GLY B 14 4.42 -8.95 13.16
C GLY B 14 3.35 -9.87 12.60
N ASN B 15 2.36 -10.16 13.45
CA ASN B 15 1.22 -10.99 13.08
C ASN B 15 0.32 -10.20 12.12
N PHE B 16 -0.26 -9.12 12.64
CA PHE B 16 -1.14 -8.26 11.87
C PHE B 16 -1.08 -8.51 10.36
N TYR B 17 0.08 -8.30 9.75
CA TYR B 17 0.25 -8.47 8.31
C TYR B 17 0.22 -9.93 7.83
N THR B 18 0.58 -10.85 8.71
CA THR B 18 0.59 -12.27 8.38
C THR B 18 -0.81 -12.81 8.13
N ASP B 19 -1.83 -12.03 8.45
CA ASP B 19 -3.22 -12.45 8.25
C ASP B 19 -3.80 -11.83 6.97
N VAL B 25 -11.32 -10.15 -0.22
CA VAL B 25 -11.39 -11.60 -0.27
C VAL B 25 -11.57 -12.05 -1.73
N LEU B 26 -10.54 -11.87 -2.55
CA LEU B 26 -10.61 -12.24 -3.97
C LEU B 26 -9.70 -13.37 -4.42
N GLY B 27 -9.34 -14.26 -3.51
CA GLY B 27 -8.47 -15.37 -3.88
C GLY B 27 -7.22 -15.40 -3.02
N SER B 28 -7.09 -14.40 -2.15
CA SER B 28 -5.96 -14.28 -1.24
C SER B 28 -4.62 -14.68 -1.87
N GLY B 30 -0.92 -12.52 -1.28
CA GLY B 30 0.32 -12.93 -1.91
C GLY B 30 1.57 -12.34 -1.28
N GLU B 31 1.43 -11.72 -0.11
CA GLU B 31 2.55 -11.10 0.61
C GLU B 31 3.92 -11.58 0.14
N ARG B 32 4.56 -10.81 -0.73
CA ARG B 32 5.87 -11.16 -1.27
C ARG B 32 6.98 -10.21 -0.83
N TRP B 33 8.21 -10.71 -0.73
CA TRP B 33 9.34 -9.86 -0.34
C TRP B 33 9.62 -8.90 -1.50
N ALA B 34 10.59 -8.01 -1.31
CA ALA B 34 10.96 -7.04 -2.35
C ALA B 34 12.16 -6.21 -1.93
N GLY B 35 12.89 -5.68 -2.91
CA GLY B 35 14.05 -4.86 -2.63
C GLY B 35 15.38 -5.60 -2.75
N ARG B 36 16.43 -4.88 -3.16
CA ARG B 36 17.76 -5.44 -3.31
C ARG B 36 18.18 -6.12 -2.02
N GLY B 37 17.81 -5.50 -0.90
CA GLY B 37 18.14 -6.04 0.42
C GLY B 37 17.47 -7.38 0.70
N ALA B 38 16.20 -7.51 0.36
CA ALA B 38 15.48 -8.76 0.57
C ALA B 38 16.10 -9.86 -0.31
N GLU B 39 16.71 -9.44 -1.41
CA GLU B 39 17.35 -10.34 -2.35
C GLU B 39 18.64 -10.90 -1.77
N GLN B 40 19.44 -10.02 -1.19
CA GLN B 40 20.71 -10.37 -0.55
C GLN B 40 20.46 -11.49 0.46
N LEU B 41 19.60 -11.22 1.44
CA LEU B 41 19.25 -12.18 2.48
C LEU B 41 18.66 -13.46 1.87
N GLY B 42 18.45 -13.43 0.56
CA GLY B 42 17.87 -14.57 -0.13
C GLY B 42 16.43 -14.80 0.28
N LEU B 43 15.56 -13.85 -0.09
CA LEU B 43 14.14 -13.93 0.23
C LEU B 43 13.29 -13.63 -1.00
N GLN B 44 12.30 -14.47 -1.26
CA GLN B 44 11.44 -14.29 -2.43
C GLN B 44 9.96 -14.61 -2.22
N GLY B 45 9.13 -13.88 -2.97
CA GLY B 45 7.68 -14.03 -2.95
C GLY B 45 7.02 -14.98 -1.98
N SER B 46 7.23 -14.74 -0.70
CA SER B 46 6.65 -15.54 0.36
C SER B 46 7.12 -14.77 1.57
N VAL B 47 6.42 -14.86 2.69
CA VAL B 47 6.86 -14.13 3.87
C VAL B 47 6.47 -14.93 5.08
N ASP B 48 7.42 -15.72 5.58
CA ASP B 48 7.17 -16.57 6.73
C ASP B 48 6.89 -15.72 7.97
N LYS B 49 5.79 -16.02 8.65
CA LYS B 49 5.38 -15.30 9.85
C LYS B 49 6.55 -15.13 10.81
N ASP B 50 7.38 -16.15 10.93
CA ASP B 50 8.53 -16.14 11.84
C ASP B 50 9.73 -15.34 11.33
N VAL B 51 10.13 -15.57 10.08
CA VAL B 51 11.27 -14.87 9.52
C VAL B 51 11.01 -13.37 9.43
N PHE B 52 9.74 -13.02 9.23
CA PHE B 52 9.34 -11.63 9.13
C PHE B 52 9.32 -11.04 10.55
N THR B 53 8.60 -11.71 11.44
CA THR B 53 8.48 -11.29 12.83
C THR B 53 9.87 -11.00 13.39
N ARG B 54 10.85 -11.72 12.87
CA ARG B 54 12.26 -11.59 13.27
C ARG B 54 12.93 -10.38 12.65
N LEU B 55 12.73 -10.22 11.34
CA LEU B 55 13.32 -9.10 10.63
C LEU B 55 13.02 -7.75 11.29
N LEU B 56 11.89 -7.68 12.01
CA LEU B 56 11.50 -6.43 12.67
C LEU B 56 12.28 -6.16 13.94
N GLU B 57 12.67 -7.23 14.64
CA GLU B 57 13.43 -7.10 15.88
C GLU B 57 14.88 -6.75 15.58
N GLY B 58 15.29 -7.00 14.33
CA GLY B 58 16.66 -6.72 13.93
C GLY B 58 17.42 -8.00 13.64
N ARG B 59 16.71 -9.14 13.71
CA ARG B 59 17.30 -10.44 13.47
C ARG B 59 17.14 -10.89 12.02
N LEU B 60 18.10 -10.49 11.17
CA LEU B 60 18.10 -10.84 9.77
C LEU B 60 18.25 -12.36 9.59
N PRO B 61 17.99 -12.87 8.37
CA PRO B 61 18.09 -14.31 8.09
C PRO B 61 19.58 -14.66 8.07
N ASP B 62 20.37 -13.65 7.74
CA ASP B 62 21.82 -13.74 7.67
C ASP B 62 22.35 -13.55 9.09
N GLY B 63 23.61 -13.94 9.33
CA GLY B 63 24.20 -13.81 10.65
C GLY B 63 24.25 -12.43 11.27
N ALA B 64 23.14 -11.70 11.22
CA ALA B 64 23.08 -10.36 11.78
C ALA B 64 21.97 -10.28 12.83
N ASP B 65 22.33 -9.86 14.04
CA ASP B 65 21.38 -9.74 15.14
C ASP B 65 21.44 -8.32 15.71
N LEU B 66 21.08 -7.34 14.88
CA LEU B 66 21.11 -5.93 15.25
C LEU B 66 19.99 -5.48 16.18
N SER B 67 19.70 -6.25 17.22
CA SER B 67 18.63 -5.88 18.15
C SER B 67 19.17 -5.17 19.39
N ARG B 68 18.29 -4.96 20.36
CA ARG B 68 18.64 -4.30 21.62
C ARG B 68 17.72 -4.87 22.70
N MET B 69 17.55 -6.18 22.72
CA MET B 69 16.67 -6.83 23.70
C MET B 69 17.08 -6.55 25.14
N GLN B 70 16.87 -5.30 25.57
CA GLN B 70 17.19 -4.87 26.92
C GLN B 70 15.92 -4.46 27.65
N ASP B 71 16.02 -4.29 28.97
CA ASP B 71 14.88 -3.88 29.80
C ASP B 71 13.64 -4.69 29.49
N GLY B 72 13.57 -5.92 30.01
CA GLY B 72 12.41 -6.76 29.76
C GLY B 72 12.17 -6.86 28.27
N SER B 73 11.28 -6.01 27.75
CA SER B 73 10.99 -6.02 26.33
C SER B 73 11.03 -4.63 25.70
N ASN B 74 12.20 -4.01 25.79
CA ASN B 74 12.48 -2.69 25.21
C ASN B 74 13.56 -3.06 24.19
N ARG B 75 13.34 -2.77 22.92
CA ARG B 75 14.33 -3.15 21.92
C ARG B 75 14.52 -2.24 20.72
N HIS B 76 14.76 -2.85 19.57
CA HIS B 76 14.98 -2.15 18.31
C HIS B 76 13.78 -1.26 17.92
N ARG B 77 13.78 -0.80 16.66
CA ARG B 77 12.71 0.02 16.10
C ARG B 77 12.31 -0.68 14.79
N PRO B 78 11.26 -1.52 14.85
CA PRO B 78 10.70 -2.32 13.75
C PRO B 78 10.89 -1.82 12.32
N GLY B 79 10.42 -0.62 12.04
CA GLY B 79 10.55 -0.08 10.69
C GLY B 79 9.36 0.78 10.30
N TYR B 80 9.06 0.81 9.00
CA TYR B 80 7.95 1.64 8.55
C TYR B 80 7.00 0.93 7.62
N ASP B 81 5.80 1.48 7.52
CA ASP B 81 4.75 0.96 6.65
C ASP B 81 4.38 2.06 5.64
N LEU B 82 4.56 1.80 4.35
CA LEU B 82 4.18 2.75 3.31
C LEU B 82 3.04 2.06 2.61
N THR B 83 1.83 2.55 2.85
CA THR B 83 0.65 1.93 2.26
C THR B 83 0.14 2.66 1.04
N PHE B 84 0.13 1.98 -0.10
CA PHE B 84 -0.36 2.58 -1.31
C PHE B 84 -1.80 2.11 -1.49
N SER B 85 -2.74 3.05 -1.46
CA SER B 85 -4.14 2.71 -1.65
C SER B 85 -4.58 3.07 -3.07
N ALA B 86 -5.25 2.12 -3.73
CA ALA B 86 -5.70 2.30 -5.10
C ALA B 86 -6.98 3.09 -5.23
N PRO B 87 -7.13 3.80 -6.37
CA PRO B 87 -8.31 4.62 -6.66
C PRO B 87 -9.57 3.74 -6.60
N LYS B 88 -10.56 4.21 -5.86
CA LYS B 88 -11.81 3.49 -5.68
C LYS B 88 -12.39 2.80 -6.91
N SER B 89 -12.29 3.41 -8.08
CA SER B 89 -12.82 2.80 -9.30
C SER B 89 -12.00 1.56 -9.67
N VAL B 90 -10.68 1.63 -9.45
CA VAL B 90 -9.81 0.51 -9.74
C VAL B 90 -10.16 -0.63 -8.79
N SER B 91 -10.39 -0.27 -7.54
CA SER B 91 -10.77 -1.22 -6.51
C SER B 91 -12.05 -1.95 -6.91
N MET B 92 -13.09 -1.17 -7.22
CA MET B 92 -14.38 -1.73 -7.63
C MET B 92 -14.29 -2.64 -8.84
N MET B 93 -13.73 -2.13 -9.92
CA MET B 93 -13.59 -2.91 -11.15
C MET B 93 -12.88 -4.23 -10.94
N ALA B 94 -11.87 -4.24 -10.09
CA ALA B 94 -11.15 -5.49 -9.85
C ALA B 94 -12.03 -6.49 -9.08
N MET B 95 -12.61 -6.05 -7.96
CA MET B 95 -13.43 -6.92 -7.14
C MET B 95 -14.88 -7.10 -7.60
N LEU B 96 -15.53 -6.03 -8.00
CA LEU B 96 -16.92 -6.14 -8.44
C LEU B 96 -16.99 -6.41 -9.93
N GLY B 97 -16.01 -5.89 -10.68
CA GLY B 97 -16.00 -6.10 -12.11
C GLY B 97 -15.25 -7.34 -12.54
N GLY B 98 -14.60 -7.97 -11.57
CA GLY B 98 -13.86 -9.19 -11.83
C GLY B 98 -12.63 -9.02 -12.70
N ASP B 99 -12.24 -7.79 -12.99
CA ASP B 99 -11.06 -7.56 -13.83
C ASP B 99 -9.79 -7.79 -13.00
N LYS B 100 -9.21 -8.97 -13.16
CA LYS B 100 -8.01 -9.33 -12.43
C LYS B 100 -6.81 -8.60 -12.96
N ARG B 101 -6.90 -8.15 -14.20
CA ARG B 101 -5.81 -7.41 -14.82
C ARG B 101 -5.41 -6.20 -13.97
N LEU B 102 -6.39 -5.64 -13.25
CA LEU B 102 -6.19 -4.49 -12.38
C LEU B 102 -5.38 -4.81 -11.13
N ILE B 103 -5.76 -5.87 -10.40
CA ILE B 103 -5.03 -6.26 -9.21
C ILE B 103 -3.55 -6.38 -9.59
N ASP B 104 -3.31 -6.66 -10.87
CA ASP B 104 -1.95 -6.79 -11.37
C ASP B 104 -1.32 -5.41 -11.52
N ALA B 105 -1.98 -4.59 -12.34
CA ALA B 105 -1.52 -3.24 -12.61
C ALA B 105 -1.16 -2.58 -11.30
N HIS B 106 -2.06 -2.68 -10.33
CA HIS B 106 -1.81 -2.09 -9.04
C HIS B 106 -0.50 -2.63 -8.46
N ASN B 107 -0.32 -3.94 -8.53
CA ASN B 107 0.91 -4.56 -8.02
C ASN B 107 2.15 -4.07 -8.72
N GLN B 108 2.07 -3.87 -10.03
CA GLN B 108 3.21 -3.38 -10.81
C GLN B 108 3.49 -1.92 -10.47
N ALA B 109 2.40 -1.18 -10.23
CA ALA B 109 2.48 0.22 -9.89
C ALA B 109 3.21 0.40 -8.55
N VAL B 110 3.00 -0.55 -7.64
CA VAL B 110 3.64 -0.53 -6.33
C VAL B 110 5.10 -0.92 -6.43
N ASP B 111 5.39 -1.95 -7.24
CA ASP B 111 6.76 -2.39 -7.39
C ASP B 111 7.56 -1.24 -7.92
N PHE B 112 6.98 -0.49 -8.86
CA PHE B 112 7.65 0.65 -9.44
C PHE B 112 7.98 1.70 -8.38
N ALA B 113 6.96 2.11 -7.61
CA ALA B 113 7.13 3.10 -6.56
C ALA B 113 8.14 2.65 -5.51
N VAL B 114 7.84 1.54 -4.87
CA VAL B 114 8.69 0.96 -3.84
C VAL B 114 10.17 0.92 -4.27
N ARG B 115 10.39 0.81 -5.57
CA ARG B 115 11.74 0.75 -6.15
C ARG B 115 12.41 2.12 -6.19
N GLN B 116 11.59 3.16 -6.30
CA GLN B 116 12.08 4.54 -6.34
C GLN B 116 12.34 5.01 -4.91
N VAL B 117 11.76 4.29 -3.95
CA VAL B 117 11.92 4.61 -2.55
C VAL B 117 13.25 4.03 -2.12
N GLU B 118 13.63 2.93 -2.75
CA GLU B 118 14.88 2.26 -2.43
C GLU B 118 16.09 3.11 -2.74
N ALA B 119 15.92 4.09 -3.64
CA ALA B 119 17.01 5.00 -3.99
C ALA B 119 17.43 5.81 -2.76
N LEU B 120 16.45 6.16 -1.93
CA LEU B 120 16.68 6.93 -0.71
C LEU B 120 17.26 6.09 0.41
N ALA B 121 17.34 4.77 0.20
CA ALA B 121 17.90 3.88 1.21
C ALA B 121 19.29 4.39 1.54
N SER B 122 19.50 4.74 2.81
CA SER B 122 20.78 5.29 3.29
C SER B 122 20.97 4.94 4.75
N THR B 123 22.23 4.89 5.19
CA THR B 123 22.53 4.56 6.57
C THR B 123 23.27 5.64 7.32
N ARG B 124 23.21 5.54 8.63
CA ARG B 124 23.82 6.51 9.53
C ARG B 124 25.30 6.30 9.81
N VAL B 125 26.09 7.31 9.44
CA VAL B 125 27.53 7.41 9.65
C VAL B 125 27.99 8.73 9.03
N THR B 133 25.74 10.68 6.45
CA THR B 133 24.68 9.94 5.77
C THR B 133 25.15 9.41 4.42
N VAL B 134 24.95 8.11 4.19
CA VAL B 134 25.37 7.49 2.93
C VAL B 134 24.31 6.64 2.24
N LEU B 135 23.94 7.05 1.03
CA LEU B 135 22.96 6.31 0.23
C LEU B 135 23.45 4.88 0.02
N THR B 136 22.81 3.94 0.70
CA THR B 136 23.18 2.53 0.59
C THR B 136 22.33 1.75 -0.42
N GLY B 137 21.51 2.48 -1.18
CA GLY B 137 20.66 1.88 -2.20
C GLY B 137 20.01 0.49 -2.05
N ASN B 138 19.63 0.09 -0.84
CA ASN B 138 18.98 -1.22 -0.68
C ASN B 138 18.07 -1.31 0.55
N LEU B 139 16.97 -2.05 0.40
CA LEU B 139 16.00 -2.22 1.48
C LEU B 139 15.51 -3.66 1.52
N VAL B 140 14.99 -4.04 2.67
CA VAL B 140 14.43 -5.38 2.85
C VAL B 140 12.98 -5.07 3.19
N MET B 141 12.08 -5.42 2.28
CA MET B 141 10.66 -5.12 2.46
C MET B 141 9.70 -6.29 2.35
N ALA B 142 8.56 -6.13 2.99
CA ALA B 142 7.50 -7.12 2.94
C ALA B 142 6.29 -6.35 2.38
N LEU B 143 5.64 -6.90 1.36
CA LEU B 143 4.49 -6.24 0.75
C LEU B 143 3.26 -7.09 0.90
N PHE B 144 2.33 -6.63 1.74
CA PHE B 144 1.09 -7.35 1.98
C PHE B 144 -0.05 -6.66 1.22
N ASN B 145 -0.93 -7.45 0.60
CA ASN B 145 -2.05 -6.91 -0.15
C ASN B 145 -3.38 -7.20 0.53
N HIS B 146 -4.24 -6.18 0.60
CA HIS B 146 -5.57 -6.32 1.19
C HIS B 146 -6.57 -5.69 0.22
N ASP B 147 -7.86 -5.94 0.40
CA ASP B 147 -8.86 -5.35 -0.50
C ASP B 147 -10.09 -4.74 0.13
N THR B 148 -10.06 -4.50 1.44
CA THR B 148 -11.22 -3.89 2.07
C THR B 148 -10.84 -2.74 2.99
N SER B 149 -11.85 -1.99 3.40
CA SER B 149 -11.66 -0.88 4.31
C SER B 149 -12.19 -1.44 5.61
N ARG B 150 -11.97 -0.74 6.72
CA ARG B 150 -12.47 -1.23 8.00
C ARG B 150 -13.99 -1.15 7.98
N ASP B 151 -14.51 -0.45 6.96
CA ASP B 151 -15.94 -0.30 6.77
C ASP B 151 -16.43 -1.39 5.83
N GLN B 152 -15.57 -2.37 5.57
CA GLN B 152 -15.95 -3.51 4.75
C GLN B 152 -16.26 -3.27 3.28
N GLU B 153 -15.63 -2.28 2.66
CA GLU B 153 -15.90 -2.03 1.26
C GLU B 153 -14.64 -2.26 0.42
N PRO B 154 -14.81 -2.35 -0.90
CA PRO B 154 -13.63 -2.57 -1.75
C PRO B 154 -12.64 -1.44 -1.54
N GLN B 155 -11.44 -1.80 -1.10
CA GLN B 155 -10.40 -0.81 -0.86
C GLN B 155 -9.07 -1.51 -0.96
N LEU B 156 -8.71 -1.87 -2.19
CA LEU B 156 -7.46 -2.57 -2.49
C LEU B 156 -6.20 -1.73 -2.23
N HIS B 157 -5.32 -2.22 -1.37
CA HIS B 157 -4.09 -1.51 -1.03
C HIS B 157 -2.95 -2.46 -0.65
N THR B 158 -1.73 -1.94 -0.65
CA THR B 158 -0.56 -2.74 -0.31
C THR B 158 0.27 -2.05 0.78
N HIS B 159 0.54 -2.80 1.84
CA HIS B 159 1.37 -2.30 2.92
C HIS B 159 2.78 -2.68 2.51
N ALA B 160 3.58 -1.69 2.12
CA ALA B 160 4.96 -1.97 1.75
C ALA B 160 5.73 -1.74 3.03
N VAL B 161 5.83 -2.78 3.86
CA VAL B 161 6.54 -2.68 5.13
C VAL B 161 8.06 -2.73 4.92
N VAL B 162 8.71 -1.64 5.27
CA VAL B 162 10.15 -1.51 5.14
C VAL B 162 10.81 -1.88 6.46
N ALA B 163 11.72 -2.84 6.42
CA ALA B 163 12.42 -3.25 7.64
C ALA B 163 13.47 -2.19 7.95
N ASN B 164 13.65 -1.93 9.24
CA ASN B 164 14.62 -0.93 9.72
C ASN B 164 16.04 -1.42 9.54
N VAL B 165 16.41 -1.84 8.33
CA VAL B 165 17.76 -2.31 8.10
C VAL B 165 18.17 -2.12 6.65
N THR B 166 19.42 -1.75 6.43
CA THR B 166 19.98 -1.57 5.10
C THR B 166 21.37 -2.18 5.15
N GLN B 167 22.04 -2.28 4.00
CA GLN B 167 23.37 -2.86 4.02
C GLN B 167 24.42 -1.94 3.42
N HIS B 168 25.28 -1.40 4.29
CA HIS B 168 26.34 -0.52 3.86
C HIS B 168 27.51 -1.38 3.38
N ASN B 169 28.73 -0.90 3.57
CA ASN B 169 29.93 -1.64 3.14
C ASN B 169 29.87 -3.13 3.46
N GLY B 170 30.07 -3.48 4.72
CA GLY B 170 30.06 -4.87 5.10
C GLY B 170 28.72 -5.37 5.61
N GLU B 171 28.55 -5.29 6.93
CA GLU B 171 27.33 -5.75 7.60
C GLU B 171 26.13 -4.82 7.43
N TRP B 172 25.03 -5.20 8.07
CA TRP B 172 23.79 -4.44 8.05
C TRP B 172 23.80 -3.38 9.13
N LYS B 173 23.24 -2.22 8.80
CA LYS B 173 23.17 -1.12 9.75
C LYS B 173 21.72 -0.85 10.07
N THR B 174 21.36 0.44 10.10
CA THR B 174 19.99 0.83 10.42
C THR B 174 19.62 2.12 9.69
N LEU B 175 18.58 2.03 8.87
CA LEU B 175 18.09 3.18 8.12
C LEU B 175 17.82 4.28 9.12
N SER B 176 16.99 3.95 10.11
CA SER B 176 16.63 4.91 11.15
C SER B 176 17.92 5.55 11.62
N SER B 177 17.81 6.75 12.16
CA SER B 177 19.01 7.43 12.60
C SER B 177 19.25 7.34 14.10
N ASP B 178 20.31 8.01 14.54
CA ASP B 178 20.73 8.06 15.94
C ASP B 178 20.02 9.27 16.56
N LYS B 179 20.58 10.44 16.27
CA LYS B 179 20.04 11.70 16.72
C LYS B 179 20.05 12.57 15.46
N VAL B 180 19.45 13.75 15.56
CA VAL B 180 19.33 14.69 14.44
C VAL B 180 20.28 14.84 13.26
N GLY B 181 21.59 14.81 13.48
CA GLY B 181 22.54 14.97 12.38
C GLY B 181 21.96 15.49 11.07
N LYS B 182 21.89 14.61 10.07
CA LYS B 182 21.35 14.95 8.76
C LYS B 182 20.14 14.07 8.47
N THR B 183 19.15 14.64 7.79
CA THR B 183 17.93 13.90 7.45
C THR B 183 18.25 12.53 6.87
N GLY B 184 17.85 11.48 7.59
CA GLY B 184 18.08 10.14 7.12
C GLY B 184 17.03 9.68 6.14
N PHE B 185 16.85 8.37 6.04
CA PHE B 185 15.88 7.79 5.12
C PHE B 185 14.46 8.32 5.29
N ILE B 186 13.74 7.77 6.26
CA ILE B 186 12.36 8.15 6.49
C ILE B 186 12.06 9.64 6.45
N GLU B 187 13.04 10.47 6.80
CA GLU B 187 12.87 11.92 6.75
C GLU B 187 12.53 12.31 5.30
N ASN B 188 13.32 11.81 4.36
CA ASN B 188 13.12 12.12 2.95
C ASN B 188 11.85 11.49 2.38
N VAL B 189 11.48 10.34 2.93
CA VAL B 189 10.28 9.67 2.47
C VAL B 189 9.11 10.62 2.73
N TYR B 190 8.98 11.10 3.97
CA TYR B 190 7.89 12.03 4.31
C TYR B 190 7.99 13.29 3.50
N ALA B 191 9.21 13.75 3.28
CA ALA B 191 9.42 14.95 2.51
C ALA B 191 9.02 14.68 1.07
N ASN B 192 9.07 13.40 0.67
CA ASN B 192 8.73 13.02 -0.70
C ASN B 192 7.46 12.18 -0.91
N GLN B 193 6.52 12.23 0.04
CA GLN B 193 5.27 11.48 -0.06
C GLN B 193 4.55 11.63 -1.38
N ILE B 194 4.17 12.86 -1.67
CA ILE B 194 3.46 13.22 -2.88
C ILE B 194 4.08 12.61 -4.14
N ALA B 195 5.41 12.70 -4.27
CA ALA B 195 6.07 12.17 -5.45
C ALA B 195 5.90 10.66 -5.56
N PHE B 196 5.94 10.00 -4.42
CA PHE B 196 5.82 8.55 -4.34
C PHE B 196 4.38 8.08 -4.58
N GLY B 197 3.41 8.76 -3.98
CA GLY B 197 2.04 8.37 -4.19
C GLY B 197 1.78 8.75 -5.61
N ARG B 198 2.47 9.80 -6.02
CA ARG B 198 2.34 10.31 -7.37
C ARG B 198 2.79 9.25 -8.39
N LEU B 199 4.07 8.87 -8.39
CA LEU B 199 4.50 7.90 -9.39
C LEU B 199 3.96 6.49 -9.24
N TYR B 200 3.29 6.21 -8.13
CA TYR B 200 2.67 4.91 -7.98
C TYR B 200 1.41 5.06 -8.85
N ARG B 201 0.71 6.15 -8.59
CA ARG B 201 -0.53 6.49 -9.26
C ARG B 201 -0.36 6.67 -10.76
N GLU B 202 0.84 7.04 -11.18
CA GLU B 202 1.10 7.25 -12.59
C GLU B 202 1.28 5.92 -13.29
N LYS B 203 1.94 5.01 -12.60
CA LYS B 203 2.18 3.69 -13.15
C LYS B 203 0.87 2.94 -13.31
N LEU B 204 0.04 2.99 -12.27
CA LEU B 204 -1.25 2.32 -12.33
C LEU B 204 -1.99 2.92 -13.53
N LYS B 205 -1.94 4.24 -13.62
CA LYS B 205 -2.58 5.00 -14.69
C LYS B 205 -2.24 4.47 -16.09
N GLU B 206 -0.95 4.44 -16.42
CA GLU B 206 -0.48 3.98 -17.72
C GLU B 206 -1.10 2.65 -18.16
N GLN B 207 -1.03 1.67 -17.27
CA GLN B 207 -1.57 0.35 -17.56
C GLN B 207 -3.09 0.42 -17.72
N VAL B 208 -3.76 0.92 -16.69
CA VAL B 208 -5.22 1.03 -16.68
C VAL B 208 -5.77 1.64 -17.96
N GLU B 209 -5.10 2.64 -18.50
CA GLU B 209 -5.60 3.23 -19.73
C GLU B 209 -5.30 2.28 -20.91
N ALA B 210 -4.16 1.58 -20.84
CA ALA B 210 -3.79 0.65 -21.91
C ALA B 210 -4.78 -0.51 -21.99
N LEU B 211 -5.37 -0.88 -20.85
CA LEU B 211 -6.36 -1.95 -20.83
C LEU B 211 -7.61 -1.46 -21.55
N GLY B 212 -7.69 -0.13 -21.71
CA GLY B 212 -8.84 0.45 -22.39
C GLY B 212 -9.77 1.23 -21.46
N TYR B 213 -9.32 1.50 -20.25
CA TYR B 213 -10.14 2.26 -19.32
C TYR B 213 -9.80 3.72 -19.45
N GLU B 214 -10.78 4.57 -19.11
CA GLU B 214 -10.59 6.01 -19.16
C GLU B 214 -10.39 6.50 -17.72
N THR B 215 -9.71 7.63 -17.56
CA THR B 215 -9.49 8.20 -16.23
C THR B 215 -9.52 9.71 -16.29
N GLU B 216 -9.96 10.35 -15.22
CA GLU B 216 -9.98 11.80 -15.15
C GLU B 216 -9.55 12.21 -13.75
N VAL B 217 -8.94 13.38 -13.63
CA VAL B 217 -8.49 13.84 -12.33
C VAL B 217 -9.69 14.21 -11.48
N VAL B 218 -9.59 13.95 -10.19
CA VAL B 218 -10.68 14.27 -9.28
C VAL B 218 -10.19 14.80 -7.92
N GLY B 219 -8.88 14.92 -7.76
CA GLY B 219 -8.33 15.41 -6.52
C GLY B 219 -6.96 16.02 -6.66
N LYS B 220 -6.40 16.50 -5.55
CA LYS B 220 -5.10 17.12 -5.60
C LYS B 220 -4.02 16.18 -6.07
N HIS B 221 -2.91 16.78 -6.48
CA HIS B 221 -1.76 16.03 -6.94
C HIS B 221 -2.09 14.98 -8.00
N GLY B 222 -3.14 15.24 -8.77
CA GLY B 222 -3.53 14.33 -9.83
C GLY B 222 -4.24 13.06 -9.43
N MET B 223 -4.87 13.03 -8.27
CA MET B 223 -5.59 11.82 -7.91
C MET B 223 -6.67 11.64 -8.98
N TRP B 224 -6.97 10.40 -9.35
CA TRP B 224 -7.98 10.16 -10.39
C TRP B 224 -8.88 8.94 -10.17
N GLU B 225 -9.83 8.77 -11.07
CA GLU B 225 -10.76 7.65 -11.04
C GLU B 225 -11.28 7.43 -12.46
N MET B 226 -11.92 6.29 -12.68
CA MET B 226 -12.48 6.02 -13.99
C MET B 226 -13.80 6.79 -13.99
N PRO B 227 -14.04 7.61 -15.01
CA PRO B 227 -15.30 8.37 -15.06
C PRO B 227 -16.52 7.47 -15.16
N GLY B 228 -17.61 7.81 -14.47
CA GLY B 228 -18.80 7.01 -14.57
C GLY B 228 -19.03 5.93 -13.53
N VAL B 229 -17.94 5.40 -12.96
CA VAL B 229 -18.01 4.37 -11.93
C VAL B 229 -18.53 5.02 -10.63
N PRO B 230 -19.56 4.42 -10.01
CA PRO B 230 -20.22 4.90 -8.77
C PRO B 230 -19.33 4.82 -7.52
N VAL B 231 -18.27 5.61 -7.52
CA VAL B 231 -17.31 5.65 -6.42
C VAL B 231 -17.93 6.03 -5.09
N GLU B 232 -18.63 7.16 -5.11
CA GLU B 232 -19.29 7.71 -3.93
C GLU B 232 -20.00 6.67 -3.09
N ALA B 233 -20.48 5.61 -3.73
CA ALA B 233 -21.22 4.55 -3.05
C ALA B 233 -20.36 3.49 -2.37
N PHE B 234 -19.05 3.60 -2.49
CA PHE B 234 -18.16 2.63 -1.87
C PHE B 234 -17.01 3.36 -1.17
N SER B 235 -17.35 4.50 -0.58
CA SER B 235 -16.40 5.34 0.13
C SER B 235 -16.96 5.61 1.52
N GLY B 236 -17.45 4.55 2.15
CA GLY B 236 -18.04 4.64 3.48
C GLY B 236 -17.14 5.23 4.56
N ARG B 237 -15.89 4.77 4.62
CA ARG B 237 -14.96 5.30 5.62
C ARG B 237 -14.76 6.79 5.41
N SER B 238 -14.30 7.14 4.23
CA SER B 238 -14.06 8.51 3.84
C SER B 238 -15.19 9.42 4.31
N GLN B 239 -16.42 9.07 3.96
CA GLN B 239 -17.60 9.86 4.32
C GLN B 239 -17.85 9.93 5.82
N THR B 240 -17.77 8.81 6.50
CA THR B 240 -17.95 8.80 7.95
C THR B 240 -16.93 9.75 8.61
N ILE B 241 -15.71 9.79 8.05
CA ILE B 241 -14.66 10.67 8.57
C ILE B 241 -15.03 12.14 8.37
N ARG B 242 -15.61 12.46 7.22
CA ARG B 242 -15.98 13.84 6.94
C ARG B 242 -17.33 14.28 7.54
N GLU B 243 -18.17 13.33 7.93
CA GLU B 243 -19.46 13.67 8.53
C GLU B 243 -19.19 14.06 9.98
N ALA B 244 -18.04 13.60 10.48
CA ALA B 244 -17.62 13.85 11.86
C ALA B 244 -16.92 15.19 12.01
N VAL B 245 -15.66 15.24 11.58
CA VAL B 245 -14.85 16.46 11.66
C VAL B 245 -15.19 17.42 10.52
N GLY B 246 -15.93 16.90 9.54
CA GLY B 246 -16.37 17.70 8.40
C GLY B 246 -15.41 17.91 7.26
N GLU B 247 -15.84 18.76 6.33
CA GLU B 247 -15.03 19.10 5.18
C GLU B 247 -14.26 20.35 5.60
N ASP B 248 -13.18 20.67 4.90
CA ASP B 248 -12.36 21.83 5.23
C ASP B 248 -11.59 21.59 6.53
N ALA B 249 -11.68 20.36 7.03
CA ALA B 249 -10.99 19.98 8.25
C ALA B 249 -9.52 19.77 7.90
N SER B 250 -8.65 20.08 8.85
CA SER B 250 -7.21 19.93 8.63
C SER B 250 -6.87 18.45 8.45
N LEU B 251 -5.69 18.18 7.92
CA LEU B 251 -5.25 16.80 7.73
C LEU B 251 -5.11 16.12 9.09
N LYS B 252 -4.52 16.84 10.05
CA LYS B 252 -4.32 16.30 11.38
C LYS B 252 -5.63 15.91 12.04
N SER B 253 -6.63 16.79 11.95
CA SER B 253 -7.95 16.52 12.54
C SER B 253 -8.59 15.29 11.91
N ARG B 254 -8.39 15.12 10.61
CA ARG B 254 -8.97 13.97 9.97
C ARG B 254 -8.18 12.69 10.34
N ASP B 255 -6.97 12.84 10.85
CA ASP B 255 -6.17 11.68 11.26
C ASP B 255 -6.82 11.05 12.46
N VAL B 256 -7.22 11.91 13.41
CA VAL B 256 -7.87 11.47 14.64
C VAL B 256 -9.25 10.89 14.33
N ALA B 257 -9.99 11.56 13.45
CA ALA B 257 -11.30 11.08 13.06
C ALA B 257 -11.14 9.72 12.41
N ALA B 258 -10.12 9.58 11.59
CA ALA B 258 -9.88 8.32 10.91
C ALA B 258 -9.69 7.21 11.93
N LEU B 259 -9.16 7.56 13.10
CA LEU B 259 -8.92 6.56 14.14
C LEU B 259 -10.10 6.31 15.09
N ASP B 260 -10.87 7.33 15.44
CA ASP B 260 -12.01 7.13 16.35
C ASP B 260 -13.13 6.33 15.70
N THR B 261 -13.68 6.90 14.64
CA THR B 261 -14.77 6.30 13.90
C THR B 261 -14.34 5.00 13.22
N ARG B 262 -13.05 4.70 13.30
CA ARG B 262 -12.53 3.49 12.68
C ARG B 262 -13.10 2.25 13.36
N LYS B 263 -13.78 1.42 12.58
CA LYS B 263 -14.35 0.19 13.10
C LYS B 263 -13.15 -0.70 13.44
N SER B 264 -13.38 -1.85 14.05
CA SER B 264 -12.27 -2.74 14.40
C SER B 264 -12.12 -3.81 13.33
N LYS B 265 -10.94 -4.43 13.22
CA LYS B 265 -10.78 -5.43 12.17
C LYS B 265 -11.76 -6.59 12.27
N GLN B 266 -12.49 -6.74 11.15
CA GLN B 266 -13.58 -7.67 10.94
C GLN B 266 -13.41 -9.00 10.20
N HIS B 267 -14.24 -9.96 10.60
CA HIS B 267 -14.28 -11.30 10.00
C HIS B 267 -15.51 -11.32 9.08
N VAL B 268 -15.30 -11.11 7.79
CA VAL B 268 -16.44 -11.08 6.88
C VAL B 268 -16.74 -12.42 6.23
N ASP B 269 -17.99 -12.59 5.85
CA ASP B 269 -18.36 -13.80 5.14
C ASP B 269 -18.13 -13.37 3.70
N PRO B 270 -17.02 -13.83 3.10
CA PRO B 270 -16.73 -13.44 1.72
C PRO B 270 -17.92 -13.35 0.78
N GLU B 271 -18.77 -14.38 0.70
CA GLU B 271 -19.89 -14.30 -0.24
C GLU B 271 -21.10 -13.50 0.23
N ILE B 272 -21.26 -13.29 1.54
CA ILE B 272 -22.36 -12.47 2.02
C ILE B 272 -22.01 -11.03 1.62
N LYS B 273 -20.75 -10.67 1.81
CA LYS B 273 -20.26 -9.35 1.51
C LYS B 273 -20.26 -9.09 0.00
N MET B 274 -19.63 -9.98 -0.75
CA MET B 274 -19.56 -9.82 -2.20
C MET B 274 -20.96 -9.57 -2.75
N ALA B 275 -21.96 -10.19 -2.13
CA ALA B 275 -23.35 -10.04 -2.55
C ALA B 275 -23.91 -8.68 -2.15
N GLU B 276 -23.57 -8.21 -0.95
CA GLU B 276 -24.04 -6.89 -0.50
C GLU B 276 -23.55 -5.84 -1.50
N TRP B 277 -22.29 -5.99 -1.92
CA TRP B 277 -21.68 -5.06 -2.87
C TRP B 277 -22.40 -5.10 -4.20
N MET B 278 -22.49 -6.29 -4.80
CA MET B 278 -23.17 -6.42 -6.07
C MET B 278 -24.55 -5.81 -5.97
N GLN B 279 -25.20 -6.06 -4.84
CA GLN B 279 -26.54 -5.54 -4.60
C GLN B 279 -26.50 -4.01 -4.60
N THR B 280 -25.72 -3.45 -3.68
CA THR B 280 -25.58 -2.02 -3.56
C THR B 280 -25.08 -1.42 -4.87
N LEU B 281 -24.34 -2.22 -5.62
CA LEU B 281 -23.80 -1.80 -6.90
C LEU B 281 -24.90 -1.59 -7.94
N LYS B 282 -25.98 -2.35 -7.83
CA LYS B 282 -27.10 -2.23 -8.77
C LYS B 282 -27.85 -0.90 -8.60
N GLU B 283 -28.23 -0.60 -7.37
CA GLU B 283 -28.98 0.60 -7.04
C GLU B 283 -28.38 1.90 -7.57
N THR B 284 -27.10 1.88 -7.91
CA THR B 284 -26.47 3.09 -8.44
C THR B 284 -26.93 3.26 -9.88
N GLY B 285 -27.31 2.14 -10.49
CA GLY B 285 -27.75 2.16 -11.87
C GLY B 285 -26.56 1.99 -12.79
N PHE B 286 -25.51 1.38 -12.25
CA PHE B 286 -24.29 1.18 -13.02
C PHE B 286 -24.33 -0.17 -13.72
N ASP B 287 -23.81 -0.21 -14.94
CA ASP B 287 -23.79 -1.45 -15.70
C ASP B 287 -22.33 -1.90 -15.80
N ILE B 288 -21.89 -2.61 -14.77
CA ILE B 288 -20.53 -3.15 -14.69
C ILE B 288 -20.02 -3.76 -15.99
N ARG B 289 -20.78 -4.74 -16.51
CA ARG B 289 -20.42 -5.44 -17.73
C ARG B 289 -20.23 -4.48 -18.91
N ALA B 290 -21.22 -3.65 -19.15
CA ALA B 290 -21.16 -2.68 -20.24
C ALA B 290 -19.90 -1.82 -20.19
N TYR B 291 -19.41 -1.58 -18.98
CA TYR B 291 -18.21 -0.77 -18.77
C TYR B 291 -16.96 -1.53 -19.21
N ARG B 292 -16.78 -2.76 -18.72
CA ARG B 292 -15.61 -3.53 -19.12
C ARG B 292 -15.56 -3.64 -20.63
N ASP B 293 -16.71 -3.97 -21.24
CA ASP B 293 -16.75 -4.09 -22.68
C ASP B 293 -16.45 -2.75 -23.35
N ALA B 294 -17.05 -1.66 -22.84
CA ALA B 294 -16.81 -0.34 -23.42
C ALA B 294 -15.31 -0.08 -23.39
N ALA B 295 -14.66 -0.52 -22.31
CA ALA B 295 -13.21 -0.34 -22.15
C ALA B 295 -12.48 -1.21 -23.16
N ASP B 296 -12.88 -2.47 -23.28
CA ASP B 296 -12.26 -3.38 -24.23
C ASP B 296 -12.32 -2.78 -25.62
N GLN B 297 -13.54 -2.47 -26.07
CA GLN B 297 -13.75 -1.90 -27.40
C GLN B 297 -12.85 -0.69 -27.59
N ARG B 298 -12.67 0.08 -26.53
CA ARG B 298 -11.83 1.28 -26.56
C ARG B 298 -10.37 0.90 -26.79
N ALA B 299 -9.93 -0.14 -26.11
CA ALA B 299 -8.56 -0.63 -26.22
C ALA B 299 -8.42 -1.29 -27.58
N ASP B 300 -9.34 -2.20 -27.89
CA ASP B 300 -9.32 -2.90 -29.15
C ASP B 300 -9.33 -1.88 -30.28
N LEU B 301 -10.29 -0.97 -30.24
CA LEU B 301 -10.39 0.03 -31.28
C LEU B 301 -9.10 0.73 -31.69
N ARG B 302 -8.18 0.94 -30.76
CA ARG B 302 -6.93 1.62 -31.13
C ARG B 302 -5.81 0.70 -31.56
N THR B 303 -5.47 -0.28 -30.73
CA THR B 303 -4.40 -1.19 -31.09
C THR B 303 -4.59 -1.71 -32.52
N LEU B 304 -5.80 -1.51 -33.06
CA LEU B 304 -6.11 -1.95 -34.43
C LEU B 304 -6.29 -0.81 -35.42
N THR B 305 -5.65 0.32 -35.16
CA THR B 305 -5.74 1.45 -36.07
C THR B 305 -4.30 1.85 -36.43
N PRO B 306 -3.97 3.15 -36.60
CA PRO B 306 -2.60 3.51 -36.95
C PRO B 306 -1.55 2.40 -36.79
MG MG C . -4.51 -3.23 5.40
N1 IMD D . -0.53 10.83 -11.55
C2 IMD D . 0.59 10.66 -10.88
N3 IMD D . 0.34 10.98 -9.62
C4 IMD D . -0.92 11.35 -9.51
C5 IMD D . -1.50 11.26 -10.75
#